data_3DDJ
#
_entry.id   3DDJ
#
_cell.length_a   39.560
_cell.length_b   48.090
_cell.length_c   83.280
_cell.angle_alpha   90.000
_cell.angle_beta   93.830
_cell.angle_gamma   90.000
#
_symmetry.space_group_name_H-M   'P 1 21 1'
#
loop_
_entity.id
_entity.type
_entity.pdbx_description
1 polymer 'CBS domain-containing protein'
2 non-polymer 'ADENOSINE MONOPHOSPHATE'
3 non-polymer DI(HYDROXYETHYL)ETHER
4 water water
#
_entity_poly.entity_id   1
_entity_poly.type   'polypeptide(L)'
_entity_poly.pdbx_seq_one_letter_code
;(MSE)GSDKIHHHHHHENLYFQG(MSE)NIETL(MSE)IKNPPILSKEDRLGSAFKKINEGGIGRIIVANEKIEGLLTTR
DLLSTVESYCKDSCSQGDLYHISTTPIIDY(MSE)TPNPVTVYNTSDEFTAINI(MSE)VTRNFGSLPVVDINDKPVGIV
TEREFLLLYKDLDEIFPVKVF(MSE)STKVQTIYKEVRLDQAVKL(MSE)LRRGFRRLPVIDDDNKVVGIVTVVNAIKQL
AKAVDKLDPDYFYGKVVKDV(MSE)VTNLVTIDELASVNRAAAE(MSE)IVKRIGSLLILNKDNTIRGIITERDLLIALH
HILV(MSE)EKFKEKL
;
_entity_poly.pdbx_strand_id   A
#
loop_
_chem_comp.id
_chem_comp.type
_chem_comp.name
_chem_comp.formula
AMP non-polymer 'ADENOSINE MONOPHOSPHATE' 'C10 H14 N5 O7 P'
PEG non-polymer DI(HYDROXYETHYL)ETHER 'C4 H10 O3'
#
# COMPACT_ATOMS: atom_id res chain seq x y z
N ASN A 14 -18.69 -2.06 -20.33
CA ASN A 14 -17.31 -2.52 -20.66
C ASN A 14 -16.30 -1.37 -20.90
N LEU A 15 -16.68 -0.15 -20.50
CA LEU A 15 -15.91 1.05 -20.86
C LEU A 15 -14.58 1.26 -20.08
N TYR A 16 -14.50 0.84 -18.84
CA TYR A 16 -13.22 0.96 -18.09
C TYR A 16 -12.08 0.11 -18.70
N PHE A 17 -12.46 -1.03 -19.26
CA PHE A 17 -11.56 -1.93 -20.00
C PHE A 17 -11.33 -1.50 -21.42
N GLN A 18 -12.10 -0.51 -21.87
CA GLN A 18 -12.06 -0.08 -23.26
C GLN A 18 -11.24 1.19 -23.49
N GLY A 19 -10.65 1.71 -22.41
CA GLY A 19 -9.65 2.77 -22.51
C GLY A 19 -8.56 2.47 -23.52
N MSE A 20 -8.06 3.49 -24.19
CA MSE A 20 -7.01 3.33 -25.16
C MSE A 20 -5.73 2.87 -24.46
O MSE A 20 -4.90 2.18 -25.06
CB MSE A 20 -6.70 4.66 -25.84
CG MSE A 20 -7.82 5.23 -26.68
SE MSE A 20 -7.29 6.94 -27.30
CE MSE A 20 -6.08 6.37 -28.75
N ASN A 21 -5.57 3.30 -23.21
CA ASN A 21 -4.33 3.06 -22.52
C ASN A 21 -4.43 3.34 -21.01
N ILE A 22 -3.31 3.09 -20.34
CA ILE A 22 -3.21 3.21 -18.89
C ILE A 22 -3.51 4.65 -18.38
N GLU A 23 -3.44 5.65 -19.25
CA GLU A 23 -3.82 7.03 -18.86
C GLU A 23 -5.27 7.10 -18.33
N THR A 24 -6.12 6.19 -18.79
CA THR A 24 -7.50 6.04 -18.27
C THR A 24 -7.54 5.95 -16.75
N LEU A 25 -6.54 5.28 -16.19
CA LEU A 25 -6.56 4.84 -14.82
C LEU A 25 -5.64 5.65 -13.90
N MSE A 26 -4.61 6.27 -14.48
CA MSE A 26 -3.50 6.76 -13.67
C MSE A 26 -3.86 7.99 -12.87
O MSE A 26 -4.78 8.72 -13.21
CB MSE A 26 -2.27 7.00 -14.56
CG MSE A 26 -2.32 8.26 -15.36
SE MSE A 26 -0.83 8.48 -16.45
CE MSE A 26 -1.16 10.28 -17.16
N ILE A 27 -3.14 8.16 -11.77
CA ILE A 27 -3.18 9.39 -10.98
C ILE A 27 -2.18 10.33 -11.60
N LYS A 28 -2.63 11.53 -11.98
CA LYS A 28 -1.77 12.56 -12.60
C LYS A 28 -1.12 13.36 -11.48
N ASN A 29 -0.05 14.09 -11.71
CA ASN A 29 0.50 14.86 -10.55
C ASN A 29 0.76 14.05 -9.22
N PRO A 30 1.40 12.86 -9.34
CA PRO A 30 1.78 12.11 -8.14
C PRO A 30 2.94 12.85 -7.47
N PRO A 31 3.21 12.57 -6.18
CA PRO A 31 4.36 13.25 -5.56
C PRO A 31 5.68 12.86 -6.25
N ILE A 32 6.47 13.88 -6.57
CA ILE A 32 7.77 13.74 -7.20
C ILE A 32 8.78 14.53 -6.39
N LEU A 33 9.97 13.98 -6.18
CA LEU A 33 11.11 14.70 -5.63
C LEU A 33 12.33 14.40 -6.50
N SER A 34 13.37 15.22 -6.36
CA SER A 34 14.59 14.99 -7.12
C SER A 34 15.55 14.12 -6.35
N LYS A 35 16.51 13.55 -7.08
CA LYS A 35 17.52 12.69 -6.46
C LYS A 35 18.40 13.49 -5.44
N GLU A 36 18.49 14.81 -5.62
CA GLU A 36 19.28 15.68 -4.70
CA GLU A 36 19.28 15.66 -4.69
C GLU A 36 18.51 15.99 -3.41
N ASP A 37 17.21 15.69 -3.39
CA ASP A 37 16.40 15.93 -2.19
C ASP A 37 16.79 14.99 -1.05
N ARG A 38 16.39 15.35 0.17
CA ARG A 38 16.72 14.62 1.38
C ARG A 38 15.47 13.92 1.91
N LEU A 39 15.66 12.89 2.74
CA LEU A 39 14.54 12.10 3.25
C LEU A 39 13.54 12.93 4.07
N GLY A 40 14.02 13.98 4.75
CA GLY A 40 13.10 14.89 5.46
C GLY A 40 11.94 15.36 4.61
N SER A 41 12.23 15.78 3.37
CA SER A 41 11.22 16.20 2.41
C SER A 41 10.29 15.04 2.04
N ALA A 42 10.86 13.84 1.92
CA ALA A 42 10.09 12.64 1.58
C ALA A 42 9.09 12.26 2.68
N PHE A 43 9.53 12.35 3.94
CA PHE A 43 8.64 12.05 5.09
C PHE A 43 7.40 12.96 5.09
N LYS A 44 7.55 14.19 4.67
CA LYS A 44 6.42 15.13 4.54
C LYS A 44 5.48 14.81 3.38
N LYS A 45 6.01 14.34 2.26
CA LYS A 45 5.20 14.10 1.06
C LYS A 45 4.67 12.67 0.88
N ILE A 46 5.14 11.72 1.70
CA ILE A 46 4.94 10.30 1.38
C ILE A 46 3.46 9.89 1.27
N ASN A 47 2.58 10.50 2.05
CA ASN A 47 1.18 10.10 2.02
C ASN A 47 0.29 11.05 1.17
N GLU A 48 0.93 11.95 0.42
CA GLU A 48 0.24 12.85 -0.50
C GLU A 48 -0.59 12.08 -1.53
N GLY A 49 -1.87 12.47 -1.67
CA GLY A 49 -2.81 11.74 -2.54
C GLY A 49 -3.13 10.32 -2.11
N GLY A 50 -2.67 9.91 -0.91
CA GLY A 50 -2.80 8.52 -0.49
C GLY A 50 -2.06 7.52 -1.35
N ILE A 51 -1.02 7.99 -2.04
CA ILE A 51 -0.28 7.11 -2.94
CA ILE A 51 -0.28 7.12 -2.95
C ILE A 51 0.66 6.19 -2.15
N GLY A 52 1.38 6.75 -1.19
CA GLY A 52 2.30 5.95 -0.37
C GLY A 52 3.65 5.69 -1.04
N ARG A 53 3.90 6.34 -2.19
CA ARG A 53 5.17 6.28 -2.91
C ARG A 53 5.50 7.64 -3.52
N ILE A 54 6.79 7.90 -3.64
CA ILE A 54 7.29 9.12 -4.26
C ILE A 54 8.15 8.76 -5.46
N ILE A 55 7.80 9.28 -6.61
CA ILE A 55 8.65 9.11 -7.80
C ILE A 55 9.84 10.05 -7.65
N VAL A 56 11.04 9.52 -7.90
CA VAL A 56 12.27 10.32 -7.86
C VAL A 56 12.66 10.56 -9.31
N ALA A 57 12.73 11.82 -9.69
CA ALA A 57 12.99 12.20 -11.07
C ALA A 57 13.57 13.57 -11.12
N ASN A 58 14.28 13.81 -12.20
CA ASN A 58 14.60 15.18 -12.57
C ASN A 58 13.92 15.40 -13.93
N GLU A 59 14.64 15.26 -15.03
CA GLU A 59 13.97 15.21 -16.32
C GLU A 59 13.38 13.80 -16.49
N LYS A 60 14.21 12.79 -16.27
CA LYS A 60 13.80 11.41 -16.39
C LYS A 60 13.62 10.79 -15.00
N ILE A 61 12.77 9.78 -14.94
CA ILE A 61 12.64 8.99 -13.71
C ILE A 61 13.97 8.30 -13.35
N GLU A 62 14.32 8.36 -12.06
CA GLU A 62 15.52 7.72 -11.52
C GLU A 62 15.26 6.67 -10.43
N GLY A 63 14.13 6.78 -9.76
CA GLY A 63 13.89 5.90 -8.64
C GLY A 63 12.47 5.99 -8.15
N LEU A 64 12.14 5.09 -7.25
CA LEU A 64 10.85 5.08 -6.61
C LEU A 64 11.08 4.87 -5.11
N LEU A 65 10.55 5.78 -4.31
CA LEU A 65 10.76 5.73 -2.87
C LEU A 65 9.43 5.31 -2.26
N THR A 66 9.41 4.09 -1.75
CA THR A 66 8.18 3.49 -1.22
C THR A 66 8.07 3.71 0.29
N THR A 67 6.89 3.46 0.80
CA THR A 67 6.67 3.50 2.25
C THR A 67 7.58 2.54 2.97
N ARG A 68 7.72 1.33 2.45
CA ARG A 68 8.67 0.36 2.98
C ARG A 68 10.09 0.88 3.03
N ASP A 69 10.52 1.51 1.92
CA ASP A 69 11.85 2.14 1.81
C ASP A 69 12.07 3.08 2.98
N LEU A 70 11.09 3.93 3.25
CA LEU A 70 11.25 4.92 4.30
C LEU A 70 11.19 4.28 5.66
N LEU A 71 10.31 3.29 5.85
CA LEU A 71 10.25 2.61 7.16
C LEU A 71 11.54 1.84 7.46
N SER A 72 12.22 1.36 6.42
CA SER A 72 13.51 0.69 6.59
C SER A 72 14.66 1.56 7.18
N THR A 73 14.49 2.88 7.16
CA THR A 73 15.49 3.79 7.75
C THR A 73 15.77 3.50 9.23
N VAL A 74 14.78 3.02 9.96
CA VAL A 74 15.00 2.71 11.38
C VAL A 74 15.16 1.21 11.64
N GLU A 75 15.47 0.46 10.60
CA GLU A 75 15.50 -1.01 10.68
C GLU A 75 16.56 -1.46 11.67
N SER A 76 17.70 -0.75 11.71
CA SER A 76 18.78 -1.05 12.70
C SER A 76 18.83 -0.08 13.90
N TYR A 77 17.67 0.39 14.40
CA TYR A 77 17.58 1.15 15.66
C TYR A 77 16.51 0.55 16.59
N CYS A 78 16.59 0.90 17.88
CA CYS A 78 15.63 0.45 18.89
C CYS A 78 15.16 1.62 19.78
N CYS A 82 17.78 4.81 19.11
CA CYS A 82 17.45 5.90 18.19
C CYS A 82 17.41 7.32 18.81
N SER A 83 18.47 8.06 18.57
CA SER A 83 18.69 9.34 19.21
C SER A 83 18.06 10.47 18.40
N GLN A 84 18.05 11.68 18.98
CA GLN A 84 17.77 12.93 18.24
C GLN A 84 18.72 13.07 17.05
N GLY A 85 20.00 12.81 17.26
CA GLY A 85 21.03 12.86 16.20
C GLY A 85 20.78 11.87 15.06
N ASP A 86 20.38 10.65 15.43
CA ASP A 86 20.05 9.60 14.46
C ASP A 86 18.89 10.02 13.57
N LEU A 87 17.85 10.58 14.18
CA LEU A 87 16.71 11.08 13.43
C LEU A 87 17.08 12.26 12.52
N TYR A 88 17.96 13.14 13.00
CA TYR A 88 18.46 14.22 12.18
C TYR A 88 19.21 13.69 10.96
N HIS A 89 20.06 12.69 11.19
CA HIS A 89 20.79 12.10 10.10
C HIS A 89 19.91 11.40 9.05
N ILE A 90 18.86 10.76 9.49
CA ILE A 90 17.83 10.28 8.56
C ILE A 90 17.25 11.44 7.76
N SER A 91 16.86 12.51 8.45
CA SER A 91 16.23 13.66 7.81
CA SER A 91 16.23 13.68 7.81
C SER A 91 17.09 14.26 6.69
N THR A 92 18.41 14.25 6.90
CA THR A 92 19.34 14.89 5.96
C THR A 92 19.95 13.87 4.97
N THR A 93 19.50 12.61 5.02
CA THR A 93 20.01 11.56 4.12
C THR A 93 19.51 11.80 2.72
N PRO A 94 20.41 11.73 1.72
CA PRO A 94 20.01 11.84 0.31
C PRO A 94 19.00 10.76 -0.08
N ILE A 95 17.97 11.15 -0.81
CA ILE A 95 16.93 10.20 -1.23
CA ILE A 95 16.93 10.20 -1.21
C ILE A 95 17.54 9.02 -2.00
N ILE A 96 18.61 9.28 -2.73
CA ILE A 96 19.26 8.19 -3.48
C ILE A 96 19.71 7.01 -2.64
N ASP A 97 19.92 7.24 -1.34
CA ASP A 97 20.41 6.17 -0.46
C ASP A 97 19.37 5.16 -0.11
N TYR A 98 18.09 5.51 -0.23
CA TYR A 98 17.00 4.63 0.13
C TYR A 98 15.98 4.36 -1.01
N MSE A 99 15.99 5.16 -2.06
CA MSE A 99 15.07 4.90 -3.16
C MSE A 99 15.37 3.55 -3.79
O MSE A 99 16.50 3.02 -3.70
CB MSE A 99 15.18 6.02 -4.20
CG MSE A 99 16.39 5.91 -5.10
SE MSE A 99 16.57 7.43 -6.23
CE MSE A 99 17.94 6.77 -7.48
N THR A 100 14.37 2.99 -4.45
CA THR A 100 14.59 1.87 -5.36
C THR A 100 15.00 2.47 -6.72
N PRO A 101 16.25 2.28 -7.13
CA PRO A 101 16.67 2.83 -8.42
C PRO A 101 16.15 1.98 -9.56
N ASN A 102 16.13 2.57 -10.75
CA ASN A 102 15.72 1.90 -11.95
C ASN A 102 14.41 1.13 -11.80
N PRO A 103 13.35 1.83 -11.35
CA PRO A 103 12.09 1.13 -11.12
C PRO A 103 11.41 0.70 -12.40
N VAL A 104 10.56 -0.30 -12.28
CA VAL A 104 9.79 -0.77 -13.41
C VAL A 104 8.67 0.25 -13.62
N THR A 105 8.46 0.61 -14.87
CA THR A 105 7.50 1.66 -15.23
C THR A 105 6.69 1.15 -16.42
N VAL A 106 5.61 1.84 -16.76
CA VAL A 106 4.94 1.59 -18.04
C VAL A 106 4.82 2.89 -18.79
N TYR A 107 4.79 2.82 -20.11
CA TYR A 107 4.54 4.00 -20.91
C TYR A 107 3.08 4.42 -20.87
N ASN A 108 2.85 5.71 -21.02
CA ASN A 108 1.50 6.26 -20.97
C ASN A 108 0.60 5.73 -22.11
N THR A 109 1.23 5.28 -23.19
CA THR A 109 0.52 4.71 -24.35
C THR A 109 0.26 3.20 -24.22
N SER A 110 0.72 2.60 -23.11
CA SER A 110 0.58 1.19 -22.91
C SER A 110 -0.81 0.82 -22.36
N ASP A 111 -1.09 -0.45 -22.41
CA ASP A 111 -2.43 -0.94 -22.10
C ASP A 111 -2.61 -1.39 -20.63
N GLU A 112 -3.85 -1.39 -20.19
CA GLU A 112 -4.15 -1.69 -18.80
C GLU A 112 -3.82 -3.13 -18.46
N PHE A 113 -4.05 -4.06 -19.39
CA PHE A 113 -3.81 -5.47 -19.07
C PHE A 113 -2.34 -5.76 -18.81
N THR A 114 -1.45 -5.16 -19.60
CA THR A 114 0.00 -5.35 -19.40
C THR A 114 0.44 -4.82 -18.02
N ALA A 115 -0.09 -3.68 -17.60
CA ALA A 115 0.20 -3.14 -16.26
C ALA A 115 -0.25 -4.08 -15.16
N ILE A 116 -1.47 -4.60 -15.27
CA ILE A 116 -1.94 -5.63 -14.33
C ILE A 116 -1.01 -6.84 -14.28
N ASN A 117 -0.60 -7.34 -15.44
CA ASN A 117 0.25 -8.51 -15.53
C ASN A 117 1.60 -8.28 -14.84
N ILE A 118 2.20 -7.13 -15.10
CA ILE A 118 3.45 -6.77 -14.44
C ILE A 118 3.31 -6.76 -12.91
N MSE A 119 2.26 -6.09 -12.43
CA MSE A 119 2.08 -5.91 -10.99
C MSE A 119 1.83 -7.23 -10.33
O MSE A 119 2.45 -7.54 -9.26
CB MSE A 119 0.95 -4.92 -10.73
CG MSE A 119 1.43 -3.51 -11.05
SE MSE A 119 -0.12 -2.33 -11.19
CE MSE A 119 -0.46 -2.15 -9.31
N VAL A 120 1.01 -8.04 -10.98
CA VAL A 120 0.67 -9.36 -10.43
C VAL A 120 1.86 -10.32 -10.45
N THR A 121 2.48 -10.50 -11.62
CA THR A 121 3.58 -11.46 -11.78
C THR A 121 4.85 -11.08 -11.03
N ARG A 122 5.13 -9.80 -10.91
CA ARG A 122 6.41 -9.37 -10.38
C ARG A 122 6.26 -8.72 -9.03
N ASN A 123 5.03 -8.71 -8.50
CA ASN A 123 4.73 -8.26 -7.15
C ASN A 123 5.08 -6.80 -6.84
N PHE A 124 4.51 -5.91 -7.62
CA PHE A 124 4.63 -4.48 -7.42
C PHE A 124 3.27 -3.95 -7.09
N GLY A 125 3.21 -3.14 -6.06
CA GLY A 125 1.98 -2.41 -5.71
C GLY A 125 1.68 -1.13 -6.46
N SER A 126 2.64 -0.67 -7.28
CA SER A 126 2.45 0.55 -8.07
C SER A 126 3.37 0.46 -9.29
N LEU A 127 3.00 1.15 -10.35
CA LEU A 127 3.89 1.42 -11.48
C LEU A 127 3.88 2.90 -11.81
N PRO A 128 5.05 3.57 -11.75
CA PRO A 128 5.15 4.87 -12.40
C PRO A 128 4.81 4.76 -13.88
N VAL A 129 4.17 5.80 -14.40
CA VAL A 129 3.81 5.91 -15.80
C VAL A 129 4.64 7.03 -16.38
N VAL A 130 5.33 6.75 -17.48
CA VAL A 130 6.24 7.68 -18.07
C VAL A 130 5.90 7.84 -19.53
N ASP A 131 6.32 8.97 -20.09
CA ASP A 131 6.14 9.21 -21.54
C ASP A 131 7.32 8.56 -22.27
N ILE A 132 7.36 8.71 -23.59
CA ILE A 132 8.39 8.08 -24.41
C ILE A 132 9.82 8.54 -24.11
N ASN A 133 9.95 9.71 -23.51
CA ASN A 133 11.26 10.21 -23.08
C ASN A 133 11.59 9.84 -21.61
N ASP A 134 10.80 8.92 -21.03
CA ASP A 134 11.04 8.42 -19.67
C ASP A 134 10.76 9.49 -18.59
N LYS A 135 9.97 10.51 -18.94
CA LYS A 135 9.56 11.52 -18.00
C LYS A 135 8.29 11.05 -17.29
N PRO A 136 8.24 11.12 -15.95
CA PRO A 136 7.06 10.66 -15.27
C PRO A 136 5.85 11.55 -15.58
N VAL A 137 4.71 10.92 -15.85
CA VAL A 137 3.45 11.65 -16.08
C VAL A 137 2.33 11.21 -15.12
N GLY A 138 2.57 10.16 -14.36
CA GLY A 138 1.56 9.66 -13.46
C GLY A 138 2.00 8.41 -12.72
N ILE A 139 1.05 7.80 -12.03
CA ILE A 139 1.28 6.55 -11.33
C ILE A 139 -0.04 5.75 -11.27
N VAL A 140 0.07 4.44 -11.39
CA VAL A 140 -1.07 3.55 -11.10
C VAL A 140 -0.69 2.71 -9.89
N THR A 141 -1.64 2.56 -8.98
CA THR A 141 -1.49 1.72 -7.83
C THR A 141 -2.64 0.67 -7.87
N GLU A 142 -2.59 -0.28 -6.95
CA GLU A 142 -3.65 -1.31 -6.83
C GLU A 142 -5.03 -0.66 -6.79
N ARG A 143 -5.16 0.45 -6.06
CA ARG A 143 -6.44 1.12 -5.88
C ARG A 143 -7.13 1.51 -7.20
N GLU A 144 -6.33 1.92 -8.20
CA GLU A 144 -6.88 2.40 -9.46
C GLU A 144 -7.54 1.31 -10.30
N PHE A 145 -7.17 0.05 -10.09
CA PHE A 145 -7.74 -1.06 -10.86
C PHE A 145 -9.04 -1.60 -10.26
N LEU A 146 -9.38 -1.18 -9.05
CA LEU A 146 -10.63 -1.57 -8.41
C LEU A 146 -11.88 -1.14 -9.24
N LEU A 147 -11.79 -0.03 -9.95
CA LEU A 147 -12.87 0.42 -10.82
C LEU A 147 -13.20 -0.53 -11.96
N LEU A 148 -12.23 -1.34 -12.39
CA LEU A 148 -12.49 -2.31 -13.49
C LEU A 148 -13.57 -3.34 -13.11
N TYR A 149 -13.81 -3.56 -11.82
CA TYR A 149 -14.83 -4.49 -11.40
C TYR A 149 -16.26 -4.03 -11.70
N LYS A 150 -16.47 -2.74 -11.91
CA LYS A 150 -17.82 -2.24 -12.21
C LYS A 150 -18.35 -2.90 -13.49
N ASP A 151 -17.47 -3.10 -14.47
CA ASP A 151 -17.83 -3.68 -15.78
C ASP A 151 -17.82 -5.21 -15.85
N LEU A 152 -17.59 -5.88 -14.74
CA LEU A 152 -17.40 -7.32 -14.77
C LEU A 152 -18.56 -8.05 -14.18
N ASP A 153 -18.77 -9.26 -14.68
CA ASP A 153 -19.63 -10.25 -14.07
C ASP A 153 -19.12 -10.57 -12.67
N GLU A 154 -20.04 -10.96 -11.80
CA GLU A 154 -19.72 -11.53 -10.48
C GLU A 154 -19.34 -13.02 -10.57
N ILE A 155 -18.05 -13.28 -10.70
CA ILE A 155 -17.52 -14.61 -10.99
C ILE A 155 -17.03 -15.29 -9.72
N PHE A 156 -16.25 -14.60 -8.91
CA PHE A 156 -15.58 -15.18 -7.75
C PHE A 156 -15.99 -14.58 -6.41
N PRO A 157 -16.18 -15.45 -5.39
CA PRO A 157 -16.41 -14.94 -4.05
C PRO A 157 -15.11 -14.58 -3.36
N VAL A 158 -15.24 -13.69 -2.38
CA VAL A 158 -14.14 -13.25 -1.52
C VAL A 158 -13.37 -14.46 -0.96
N LYS A 159 -14.10 -15.51 -0.57
CA LYS A 159 -13.49 -16.71 -0.04
C LYS A 159 -12.32 -17.30 -0.85
N VAL A 160 -12.40 -17.22 -2.17
CA VAL A 160 -11.38 -17.81 -3.05
C VAL A 160 -10.06 -17.05 -3.00
N PHE A 161 -10.12 -15.74 -2.79
CA PHE A 161 -8.92 -14.90 -2.85
C PHE A 161 -8.44 -14.31 -1.52
N MSE A 162 -9.20 -14.52 -0.44
CA MSE A 162 -8.82 -13.97 0.84
C MSE A 162 -7.67 -14.82 1.37
O MSE A 162 -7.53 -15.99 1.01
CB MSE A 162 -10.01 -13.98 1.82
CG MSE A 162 -10.37 -15.33 2.39
SE MSE A 162 -11.98 -15.22 3.49
CE MSE A 162 -12.20 -17.07 3.95
N SER A 163 -6.83 -14.25 2.24
CA SER A 163 -5.85 -15.03 2.99
C SER A 163 -6.42 -15.45 4.33
N THR A 164 -6.20 -16.71 4.71
CA THR A 164 -6.76 -17.19 5.97
C THR A 164 -5.77 -17.46 7.12
N LYS A 165 -4.48 -17.44 6.90
CA LYS A 165 -3.64 -17.69 8.09
C LYS A 165 -3.14 -16.33 8.55
N VAL A 166 -4.03 -15.58 9.20
CA VAL A 166 -3.82 -14.14 9.27
C VAL A 166 -2.86 -13.81 10.42
N GLN A 167 -1.82 -13.06 10.13
CA GLN A 167 -0.91 -12.58 11.14
C GLN A 167 -1.57 -11.40 11.85
N THR A 168 -1.75 -11.53 13.16
CA THR A 168 -2.31 -10.46 13.96
C THR A 168 -1.28 -9.98 14.98
N ILE A 169 -1.65 -8.97 15.75
CA ILE A 169 -0.78 -8.44 16.79
C ILE A 169 -1.66 -7.99 17.95
N TYR A 170 -1.13 -8.10 19.15
CA TYR A 170 -1.88 -7.70 20.35
C TYR A 170 -1.87 -6.19 20.50
N LYS A 171 -2.98 -5.64 20.98
CA LYS A 171 -3.18 -4.18 20.97
C LYS A 171 -2.19 -3.32 21.77
N GLU A 172 -1.52 -3.91 22.78
CA GLU A 172 -0.58 -3.12 23.59
C GLU A 172 0.86 -3.21 23.12
N VAL A 173 1.11 -3.94 22.02
CA VAL A 173 2.46 -4.09 21.46
C VAL A 173 2.97 -2.78 20.86
N ARG A 174 4.26 -2.54 21.08
CA ARG A 174 4.95 -1.36 20.59
CA ARG A 174 4.88 -1.33 20.60
C ARG A 174 4.89 -1.23 19.09
N LEU A 175 4.63 -0.02 18.62
CA LEU A 175 4.58 0.27 17.16
C LEU A 175 5.88 -0.14 16.41
N ASP A 176 7.07 0.08 16.99
CA ASP A 176 8.29 -0.32 16.29
C ASP A 176 8.35 -1.83 16.01
N GLN A 177 7.82 -2.62 16.94
CA GLN A 177 7.71 -4.08 16.76
C GLN A 177 6.69 -4.46 15.73
N ALA A 178 5.56 -3.77 15.70
CA ALA A 178 4.60 -3.94 14.64
C ALA A 178 5.25 -3.72 13.26
N VAL A 179 6.06 -2.66 13.14
CA VAL A 179 6.70 -2.33 11.88
C VAL A 179 7.66 -3.41 11.44
N LYS A 180 8.49 -3.87 12.37
CA LYS A 180 9.41 -4.94 12.05
C LYS A 180 8.71 -6.16 11.46
N LEU A 181 7.60 -6.54 12.07
CA LEU A 181 6.83 -7.71 11.65
C LEU A 181 6.21 -7.50 10.29
N MSE A 182 5.63 -6.32 10.04
CA MSE A 182 5.07 -6.03 8.74
C MSE A 182 6.12 -6.14 7.63
O MSE A 182 5.88 -6.75 6.59
CB MSE A 182 4.43 -4.65 8.70
CG MSE A 182 3.15 -4.65 9.51
SE MSE A 182 2.05 -3.13 9.26
CE MSE A 182 3.18 -1.97 10.11
N LEU A 183 7.24 -5.47 7.84
CA LEU A 183 8.33 -5.48 6.87
C LEU A 183 8.87 -6.89 6.64
N ARG A 184 8.99 -7.67 7.72
CA ARG A 184 9.52 -9.04 7.65
C ARG A 184 8.64 -9.94 6.82
N ARG A 185 7.34 -9.90 7.06
CA ARG A 185 6.41 -10.79 6.39
C ARG A 185 5.86 -10.21 5.09
N GLY A 186 6.19 -8.96 4.79
CA GLY A 186 5.74 -8.31 3.58
C GLY A 186 4.25 -7.98 3.52
N PHE A 187 3.70 -7.57 4.67
CA PHE A 187 2.31 -7.15 4.77
C PHE A 187 2.26 -5.68 5.01
N ARG A 188 1.26 -5.04 4.41
CA ARG A 188 1.01 -3.64 4.64
C ARG A 188 0.19 -3.39 5.92
N ARG A 189 -0.45 -4.42 6.44
CA ARG A 189 -1.47 -4.26 7.49
C ARG A 189 -1.56 -5.48 8.37
N LEU A 190 -1.77 -5.27 9.66
CA LEU A 190 -1.94 -6.37 10.62
C LEU A 190 -3.21 -6.13 11.40
N PRO A 191 -4.16 -7.05 11.33
CA PRO A 191 -5.25 -6.90 12.30
C PRO A 191 -4.77 -6.96 13.75
N VAL A 192 -5.42 -6.16 14.59
CA VAL A 192 -5.06 -6.02 16.00
C VAL A 192 -6.09 -6.77 16.83
N ILE A 193 -5.63 -7.55 17.82
CA ILE A 193 -6.52 -8.33 18.70
C ILE A 193 -6.39 -7.92 20.17
N ASP A 194 -7.42 -8.27 20.94
CA ASP A 194 -7.49 -8.02 22.36
C ASP A 194 -7.21 -9.31 23.14
N ASP A 195 -7.52 -9.27 24.42
CA ASP A 195 -7.37 -10.39 25.32
C ASP A 195 -8.15 -11.64 24.96
N ASP A 196 -9.25 -11.48 24.24
CA ASP A 196 -10.09 -12.58 23.86
C ASP A 196 -9.91 -12.91 22.40
N ASN A 197 -8.80 -12.46 21.84
CA ASN A 197 -8.49 -12.69 20.44
CA ASN A 197 -8.48 -12.66 20.42
C ASN A 197 -9.53 -12.12 19.47
N LYS A 198 -10.33 -11.16 19.93
CA LYS A 198 -11.27 -10.44 19.07
CA LYS A 198 -11.26 -10.46 19.06
C LYS A 198 -10.54 -9.31 18.35
N VAL A 199 -10.95 -9.01 17.12
CA VAL A 199 -10.36 -7.93 16.32
C VAL A 199 -10.88 -6.56 16.78
N VAL A 200 -9.95 -5.66 17.08
CA VAL A 200 -10.28 -4.34 17.60
C VAL A 200 -9.75 -3.21 16.70
N GLY A 201 -9.05 -3.55 15.63
CA GLY A 201 -8.45 -2.54 14.75
C GLY A 201 -7.52 -3.19 13.75
N ILE A 202 -6.89 -2.36 12.95
CA ILE A 202 -5.92 -2.79 11.96
C ILE A 202 -4.81 -1.74 12.00
N VAL A 203 -3.58 -2.21 12.18
CA VAL A 203 -2.43 -1.30 12.13
C VAL A 203 -1.75 -1.45 10.81
N THR A 204 -1.37 -0.31 10.23
CA THR A 204 -0.94 -0.30 8.85
C THR A 204 0.39 0.43 8.71
N VAL A 205 1.02 0.23 7.56
CA VAL A 205 2.27 0.95 7.26
C VAL A 205 2.01 2.45 7.14
N VAL A 206 0.80 2.88 6.75
CA VAL A 206 0.42 4.29 6.71
C VAL A 206 0.37 4.85 8.13
N ASN A 207 -0.28 4.14 9.03
CA ASN A 207 -0.19 4.48 10.45
C ASN A 207 1.26 4.66 10.92
N ALA A 208 2.10 3.69 10.61
CA ALA A 208 3.47 3.65 11.10
C ALA A 208 4.27 4.82 10.54
N ILE A 209 4.11 5.09 9.26
CA ILE A 209 4.90 6.17 8.62
C ILE A 209 4.47 7.56 9.05
N LYS A 210 3.19 7.73 9.38
CA LYS A 210 2.69 8.98 9.98
CA LYS A 210 2.75 9.01 9.93
C LYS A 210 3.48 9.29 11.24
N GLN A 211 3.65 8.27 12.07
CA GLN A 211 4.36 8.41 13.35
C GLN A 211 5.86 8.63 13.13
N LEU A 212 6.46 7.88 12.19
CA LEU A 212 7.90 8.03 11.96
C LEU A 212 8.15 9.40 11.38
N ALA A 213 7.27 9.86 10.49
CA ALA A 213 7.38 11.23 9.94
C ALA A 213 7.39 12.28 11.04
N LYS A 214 6.52 12.14 12.03
CA LYS A 214 6.50 13.07 13.15
C LYS A 214 7.81 13.02 13.94
N ALA A 215 8.27 11.82 14.24
CA ALA A 215 9.54 11.65 14.96
C ALA A 215 10.68 12.32 14.24
N VAL A 216 10.74 12.15 12.92
CA VAL A 216 11.78 12.79 12.10
C VAL A 216 11.65 14.32 12.07
N ASP A 217 10.42 14.80 11.90
CA ASP A 217 10.18 16.23 11.83
C ASP A 217 10.58 16.94 13.12
N LYS A 218 10.28 16.31 14.25
CA LYS A 218 10.46 16.91 15.55
C LYS A 218 11.73 16.43 16.26
N LEU A 219 12.49 15.57 15.59
CA LEU A 219 13.67 14.93 16.20
C LEU A 219 13.32 14.43 17.58
N ASP A 220 12.21 13.70 17.65
CA ASP A 220 11.67 13.20 18.88
C ASP A 220 11.27 11.75 18.71
N PRO A 221 12.11 10.83 19.19
CA PRO A 221 11.81 9.41 18.95
C PRO A 221 10.50 8.95 19.59
N ASP A 222 10.01 9.64 20.62
CA ASP A 222 8.80 9.20 21.30
C ASP A 222 7.58 9.06 20.42
N TYR A 223 7.47 9.87 19.35
CA TYR A 223 6.34 9.75 18.44
C TYR A 223 6.26 8.38 17.79
N PHE A 224 7.36 7.63 17.72
CA PHE A 224 7.40 6.32 17.09
C PHE A 224 7.61 5.25 18.14
N TYR A 225 8.70 5.40 18.90
CA TYR A 225 9.08 4.40 19.92
C TYR A 225 8.16 4.43 21.16
N GLY A 226 7.49 5.55 21.40
CA GLY A 226 6.65 5.68 22.56
C GLY A 226 5.20 5.29 22.33
N LYS A 227 4.87 4.75 21.15
CA LYS A 227 3.49 4.45 20.82
C LYS A 227 3.25 2.96 20.82
N VAL A 228 2.08 2.56 21.28
CA VAL A 228 1.66 1.18 21.15
C VAL A 228 0.63 1.10 20.00
N VAL A 229 0.40 -0.09 19.50
CA VAL A 229 -0.44 -0.17 18.28
CA VAL A 229 -0.48 -0.30 18.33
C VAL A 229 -1.85 0.39 18.51
N LYS A 230 -2.46 0.20 19.68
CA LYS A 230 -3.84 0.70 19.90
C LYS A 230 -3.94 2.21 19.80
N ASP A 231 -2.83 2.88 20.07
CA ASP A 231 -2.73 4.35 19.97
C ASP A 231 -2.88 4.93 18.58
N VAL A 232 -2.51 4.16 17.56
CA VAL A 232 -2.43 4.66 16.19
C VAL A 232 -3.16 3.85 15.14
N MSE A 233 -3.69 2.69 15.53
CA MSE A 233 -4.36 1.84 14.57
C MSE A 233 -5.65 2.38 14.02
O MSE A 233 -6.30 3.23 14.63
CB MSE A 233 -4.65 0.49 15.24
CG MSE A 233 -5.73 0.57 16.32
SE MSE A 233 -5.99 -1.07 17.29
CE MSE A 233 -7.38 -0.44 18.51
N VAL A 234 -6.02 1.88 12.85
CA VAL A 234 -7.34 2.17 12.30
C VAL A 234 -8.33 1.43 13.19
N THR A 235 -9.40 2.11 13.60
CA THR A 235 -10.39 1.51 14.49
C THR A 235 -11.72 1.23 13.79
N ASN A 236 -11.81 1.60 12.52
CA ASN A 236 -12.98 1.24 11.73
C ASN A 236 -12.83 -0.11 11.17
N LEU A 237 -13.67 -1.01 11.63
CA LEU A 237 -13.63 -2.36 11.13
C LEU A 237 -14.65 -2.49 10.03
N VAL A 238 -14.15 -2.69 8.82
CA VAL A 238 -14.99 -2.85 7.66
C VAL A 238 -14.89 -4.33 7.25
N THR A 239 -16.01 -5.03 7.39
CA THR A 239 -16.04 -6.46 7.19
C THR A 239 -16.84 -6.80 5.94
N ILE A 240 -16.68 -8.02 5.46
CA ILE A 240 -17.43 -8.50 4.34
C ILE A 240 -17.67 -9.99 4.52
N ASP A 241 -18.80 -10.47 3.98
CA ASP A 241 -19.11 -11.90 3.96
C ASP A 241 -18.19 -12.63 2.98
N GLU A 242 -17.63 -13.77 3.38
CA GLU A 242 -16.73 -14.52 2.49
C GLU A 242 -17.41 -15.02 1.18
N LEU A 243 -18.75 -15.05 1.16
CA LEU A 243 -19.49 -15.49 -0.04
C LEU A 243 -19.89 -14.34 -0.96
N ALA A 244 -19.65 -13.10 -0.53
CA ALA A 244 -19.87 -11.91 -1.38
C ALA A 244 -18.88 -11.91 -2.52
N SER A 245 -19.26 -11.31 -3.65
CA SER A 245 -18.40 -11.25 -4.83
C SER A 245 -17.16 -10.38 -4.60
N VAL A 246 -16.09 -10.71 -5.29
CA VAL A 246 -14.92 -9.84 -5.27
C VAL A 246 -15.28 -8.45 -5.81
N ASN A 247 -16.32 -8.36 -6.66
CA ASN A 247 -16.76 -7.07 -7.21
C ASN A 247 -17.30 -6.16 -6.11
N ARG A 248 -18.13 -6.72 -5.24
CA ARG A 248 -18.63 -6.04 -4.06
C ARG A 248 -17.49 -5.62 -3.12
N ALA A 249 -16.49 -6.50 -2.94
CA ALA A 249 -15.30 -6.14 -2.16
C ALA A 249 -14.64 -4.90 -2.76
N ALA A 250 -14.41 -4.91 -4.08
CA ALA A 250 -13.79 -3.78 -4.78
C ALA A 250 -14.57 -2.45 -4.58
N ALA A 251 -15.87 -2.55 -4.75
CA ALA A 251 -16.78 -1.40 -4.67
C ALA A 251 -16.72 -0.77 -3.28
N GLU A 252 -16.68 -1.62 -2.28
CA GLU A 252 -16.65 -1.22 -0.88
C GLU A 252 -15.32 -0.57 -0.53
N MSE A 253 -14.23 -1.14 -1.05
CA MSE A 253 -12.92 -0.54 -0.85
C MSE A 253 -12.84 0.87 -1.45
O MSE A 253 -12.22 1.75 -0.84
CB MSE A 253 -11.82 -1.46 -1.43
CG MSE A 253 -11.58 -2.67 -0.56
SE MSE A 253 -9.99 -3.63 -1.19
CE MSE A 253 -10.44 -5.37 -0.52
N ILE A 254 -13.46 1.08 -2.60
CA ILE A 254 -13.51 2.40 -3.24
C ILE A 254 -14.30 3.37 -2.33
N VAL A 255 -15.52 3.01 -1.96
CA VAL A 255 -16.41 3.88 -1.16
CA VAL A 255 -16.38 3.91 -1.19
C VAL A 255 -15.81 4.20 0.21
N LYS A 256 -15.27 3.18 0.88
CA LYS A 256 -14.75 3.31 2.26
C LYS A 256 -13.32 3.80 2.29
N ARG A 257 -12.70 3.97 1.11
CA ARG A 257 -11.35 4.50 0.99
C ARG A 257 -10.38 3.69 1.83
N ILE A 258 -10.41 2.38 1.65
CA ILE A 258 -9.55 1.46 2.37
C ILE A 258 -9.02 0.43 1.38
N GLY A 259 -7.97 -0.28 1.78
CA GLY A 259 -7.34 -1.26 0.91
C GLY A 259 -7.49 -2.71 1.37
N SER A 260 -8.31 -2.94 2.39
CA SER A 260 -8.52 -4.28 2.90
C SER A 260 -9.90 -4.33 3.53
N LEU A 261 -10.42 -5.54 3.57
CA LEU A 261 -11.65 -5.83 4.26
C LEU A 261 -11.38 -7.07 5.09
N LEU A 262 -11.95 -7.09 6.30
CA LEU A 262 -11.85 -8.25 7.18
C LEU A 262 -12.99 -9.23 7.04
N ILE A 263 -12.67 -10.51 7.15
CA ILE A 263 -13.70 -11.54 7.25
C ILE A 263 -13.61 -12.07 8.68
N LEU A 264 -14.70 -11.95 9.42
CA LEU A 264 -14.69 -12.29 10.85
C LEU A 264 -15.49 -13.54 11.10
N ASN A 265 -15.09 -14.30 12.12
CA ASN A 265 -15.90 -15.43 12.61
C ASN A 265 -17.07 -14.85 13.40
N LYS A 266 -18.05 -15.70 13.69
CA LYS A 266 -19.21 -15.27 14.45
C LYS A 266 -18.82 -14.67 15.81
N ASP A 267 -17.75 -15.18 16.40
CA ASP A 267 -17.28 -14.70 17.70
C ASP A 267 -16.32 -13.52 17.59
N ASN A 268 -16.19 -12.94 16.40
CA ASN A 268 -15.37 -11.74 16.18
C ASN A 268 -13.87 -11.94 16.22
N THR A 269 -13.47 -13.21 16.14
CA THR A 269 -12.11 -13.55 15.83
C THR A 269 -11.98 -13.47 14.30
N ILE A 270 -10.73 -13.37 13.85
CA ILE A 270 -10.42 -13.22 12.44
C ILE A 270 -10.51 -14.57 11.74
N ARG A 271 -11.13 -14.57 10.56
CA ARG A 271 -11.21 -15.71 9.68
C ARG A 271 -10.33 -15.50 8.46
N GLY A 272 -10.41 -14.30 7.89
CA GLY A 272 -9.55 -13.93 6.79
C GLY A 272 -9.43 -12.45 6.56
N ILE A 273 -8.57 -12.12 5.62
CA ILE A 273 -8.36 -10.78 5.16
C ILE A 273 -8.26 -10.80 3.63
N ILE A 274 -8.93 -9.85 2.99
CA ILE A 274 -8.80 -9.67 1.55
C ILE A 274 -8.36 -8.22 1.29
N THR A 275 -7.36 -8.08 0.43
CA THR A 275 -6.79 -6.77 0.16
C THR A 275 -6.88 -6.39 -1.32
N GLU A 276 -6.58 -5.13 -1.61
CA GLU A 276 -6.56 -4.70 -3.01
C GLU A 276 -5.53 -5.46 -3.84
N ARG A 277 -4.48 -6.00 -3.20
CA ARG A 277 -3.52 -6.87 -3.91
C ARG A 277 -4.20 -8.16 -4.36
N ASP A 278 -4.96 -8.75 -3.45
CA ASP A 278 -5.78 -9.94 -3.78
C ASP A 278 -6.78 -9.71 -4.89
N LEU A 279 -7.42 -8.55 -4.86
CA LEU A 279 -8.38 -8.18 -5.90
C LEU A 279 -7.70 -7.99 -7.28
N LEU A 280 -6.44 -7.49 -7.27
CA LEU A 280 -5.67 -7.39 -8.52
C LEU A 280 -5.34 -8.76 -9.06
N ILE A 281 -4.95 -9.66 -8.19
CA ILE A 281 -4.68 -11.04 -8.55
C ILE A 281 -5.91 -11.70 -9.17
N ALA A 282 -7.05 -11.54 -8.50
CA ALA A 282 -8.31 -12.03 -9.00
C ALA A 282 -8.68 -11.43 -10.36
N LEU A 283 -8.47 -10.11 -10.53
CA LEU A 283 -8.80 -9.42 -11.76
C LEU A 283 -7.98 -9.98 -12.95
N HIS A 284 -6.70 -10.24 -12.69
CA HIS A 284 -5.78 -10.80 -13.66
C HIS A 284 -6.36 -12.14 -14.14
N HIS A 285 -6.76 -12.96 -13.17
CA HIS A 285 -7.38 -14.27 -13.45
C HIS A 285 -8.68 -14.16 -14.25
N ILE A 286 -9.55 -13.24 -13.87
CA ILE A 286 -10.80 -13.01 -14.59
C ILE A 286 -10.51 -12.62 -16.05
N LEU A 287 -9.56 -11.72 -16.25
CA LEU A 287 -9.24 -11.23 -17.60
C LEU A 287 -8.64 -12.34 -18.47
N VAL A 288 -7.67 -13.07 -17.92
CA VAL A 288 -7.07 -14.23 -18.58
C VAL A 288 -8.14 -15.28 -18.93
N MSE A 289 -9.08 -15.53 -18.02
CA MSE A 289 -10.16 -16.49 -18.26
C MSE A 289 -11.17 -16.06 -19.30
O MSE A 289 -11.70 -16.90 -20.05
CB MSE A 289 -10.91 -16.78 -16.98
CG MSE A 289 -10.19 -17.72 -16.10
SE MSE A 289 -10.81 -17.48 -14.29
CE MSE A 289 -12.79 -17.07 -14.62
N GLU A 290 -11.49 -14.77 -19.33
CA GLU A 290 -12.39 -14.25 -20.34
C GLU A 290 -11.75 -14.31 -21.73
N LYS A 291 -10.41 -14.34 -21.77
CA LYS A 291 -9.70 -14.66 -23.01
C LYS A 291 -10.06 -16.06 -23.48
N PHE A 292 -10.07 -17.02 -22.56
CA PHE A 292 -10.37 -18.41 -22.90
C PHE A 292 -11.85 -18.65 -23.23
N LYS A 293 -12.77 -18.03 -22.48
CA LYS A 293 -14.21 -18.27 -22.69
C LYS A 293 -14.72 -17.83 -24.07
N GLU A 294 -14.06 -16.84 -24.68
CA GLU A 294 -14.40 -16.41 -26.04
C GLU A 294 -13.94 -17.41 -27.12
N LYS A 295 -13.10 -18.38 -26.75
CA LYS A 295 -12.67 -19.45 -27.68
C LYS A 295 -13.81 -20.38 -28.10
P AMP B . -0.84 -6.56 0.98
O1P AMP B . -0.39 -6.55 2.44
O2P AMP B . -2.10 -5.78 0.68
O3P AMP B . 0.28 -6.15 0.02
O5' AMP B . -1.27 -8.06 0.62
C5' AMP B . -0.22 -9.02 0.34
C4' AMP B . -0.71 -10.45 0.49
O4' AMP B . -0.64 -10.84 1.87
C3' AMP B . -2.16 -10.66 0.08
O3' AMP B . -2.29 -12.00 -0.41
C2' AMP B . -2.96 -10.50 1.37
O2' AMP B . -4.19 -11.25 1.51
C1' AMP B . -1.96 -11.03 2.38
N9 AMP B . -2.03 -10.35 3.68
C8 AMP B . -2.07 -9.02 3.92
N7 AMP B . -2.06 -8.77 5.24
C5 AMP B . -1.97 -9.96 5.87
C6 AMP B . -1.93 -10.43 7.28
N6 AMP B . -1.96 -9.56 8.31
N1 AMP B . -1.85 -11.76 7.48
C2 AMP B . -1.81 -12.66 6.46
N3 AMP B . -1.84 -12.31 5.15
C4 AMP B . -1.93 -11.00 4.83
C1 PEG C . 5.84 -1.89 -3.22
O1 PEG C . 5.56 -3.03 -4.06
C2 PEG C . 4.92 -0.73 -3.61
O2 PEG C . 5.49 0.12 -4.62
C3 PEG C . 5.73 -0.47 -5.92
C4 PEG C . 7.16 -1.06 -6.01
O4 PEG C . 7.69 -0.92 -7.34
#